data_3KT1
#
_entry.id   3KT1
#
_cell.length_a   136.320
_cell.length_b   136.320
_cell.length_c   79.921
_cell.angle_alpha   90.00
_cell.angle_beta   90.00
_cell.angle_gamma   120.00
#
_symmetry.space_group_name_H-M   'P 3 2 1'
#
loop_
_entity.id
_entity.type
_entity.pdbx_description
1 polymer 'PKHD-type hydroxylase TPA1'
2 non-polymer 'FE (III) ION'
3 non-polymer 'SULFATE ION'
4 non-polymer GLYCEROL
5 water water
#
_entity_poly.entity_id   1
_entity_poly.type   'polypeptide(L)'
_entity_poly.pdbx_seq_one_letter_code
;MLEEDKIKGMFNPKIWDKTFQDGLKKEIEDSQPYNWGTIHELVNDDLLRAVRKEIETEIHFTKKETDIYRVNQSGDLANL
SGLDWDDLSRLPNLFKLRQILYSKQYRDFFGYVTKAGKLSGSKTDMSINTYTKGCHLLTHDDVIGSRRISFILYLPDPDR
KWKSHYGGGLRLFPSILPNVPHSDPSAKLVPQFNQIAFFKVLPGFSFHDVEEVKVDKHRLSIQGWYHIPQVGEEGYIPGE
EEAWVRNNTSTLAQIESNVLEDFEFPKDERNILSFHEVKHFEKMLKGDAGAKTDNTPKESMTSVISDSVKLSEAEFTYLS
QYISPEHLSSKGIEKLQKQFVENSSLQIESFLNDDKSELLKKVIKQKELEQECPYHSKDVKAPWKTAIPPHKARYLYIDG
KEYRNFQTEADILEALNNNDLPNFQFTKDAIKIISDASGNSRENNFDAELALIDLAVFHKSTIFKKYLALLTSLCPVSEQ
ILIRRFRPGMDFTLATKCRFNELLKSNPDIIDAVLEGTLCLTPSAGWESGELGGYELYMMDDDEDNKQYLKEDVEDASVY
RADDSGDSVLINDPPAWNTFNLVLRDESVLEFVKYVSWSAKSSRWDVKMKWDVKSCDEDGQEDEALEHHHHHH
;
_entity_poly.pdbx_strand_id   A
#
loop_
_chem_comp.id
_chem_comp.type
_chem_comp.name
_chem_comp.formula
FE non-polymer 'FE (III) ION' 'Fe 3'
GOL non-polymer GLYCEROL 'C3 H8 O3'
SO4 non-polymer 'SULFATE ION' 'O4 S -2'
#
# COMPACT_ATOMS: atom_id res chain seq x y z
N ASP A 5 -21.81 -24.03 -35.49
CA ASP A 5 -21.89 -23.37 -34.16
C ASP A 5 -21.12 -22.05 -34.16
N LYS A 6 -21.86 -20.95 -34.18
CA LYS A 6 -21.28 -19.60 -34.28
C LYS A 6 -20.65 -19.08 -32.99
N ILE A 7 -20.66 -19.89 -31.95
CA ILE A 7 -20.08 -19.52 -30.67
C ILE A 7 -18.79 -20.30 -30.43
N LYS A 8 -18.86 -21.62 -30.54
CA LYS A 8 -17.70 -22.49 -30.36
C LYS A 8 -16.56 -22.12 -31.31
N GLY A 9 -16.93 -21.70 -32.52
CA GLY A 9 -15.95 -21.34 -33.54
C GLY A 9 -15.25 -20.01 -33.33
N MET A 10 -15.72 -19.23 -32.36
CA MET A 10 -15.06 -17.98 -32.01
C MET A 10 -13.98 -18.15 -30.95
N PHE A 11 -13.85 -19.38 -30.44
CA PHE A 11 -12.79 -19.74 -29.51
C PHE A 11 -11.81 -20.68 -30.19
N ASN A 12 -10.60 -20.74 -29.65
CA ASN A 12 -9.62 -21.78 -29.94
C ASN A 12 -10.29 -23.15 -29.85
N PRO A 13 -10.26 -23.93 -30.94
CA PRO A 13 -10.93 -25.25 -30.93
C PRO A 13 -10.47 -26.18 -29.81
N LYS A 14 -9.25 -25.99 -29.30
CA LYS A 14 -8.71 -26.85 -28.25
C LYS A 14 -9.58 -26.87 -26.98
N ILE A 15 -10.16 -25.73 -26.61
CA ILE A 15 -10.93 -25.68 -25.36
C ILE A 15 -12.15 -26.60 -25.35
N TRP A 16 -12.62 -26.98 -26.54
CA TRP A 16 -13.76 -27.92 -26.67
C TRP A 16 -13.32 -29.38 -26.59
N ASP A 17 -12.00 -29.61 -26.60
CA ASP A 17 -11.44 -30.96 -26.48
C ASP A 17 -11.50 -31.45 -25.03
N LYS A 18 -12.06 -32.63 -24.83
CA LYS A 18 -12.19 -33.22 -23.50
C LYS A 18 -10.83 -33.44 -22.81
N THR A 19 -9.85 -33.95 -23.57
CA THR A 19 -8.51 -34.20 -23.05
C THR A 19 -7.82 -32.91 -22.58
N PHE A 20 -7.92 -31.86 -23.38
CA PHE A 20 -7.41 -30.54 -23.01
C PHE A 20 -8.08 -30.03 -21.75
N GLN A 21 -9.41 -30.19 -21.68
CA GLN A 21 -10.20 -29.74 -20.52
C GLN A 21 -9.74 -30.40 -19.22
N ASP A 22 -9.59 -31.72 -19.24
CA ASP A 22 -9.11 -32.45 -18.06
C ASP A 22 -7.67 -32.04 -17.72
N GLY A 23 -6.86 -31.78 -18.76
CA GLY A 23 -5.50 -31.30 -18.57
C GLY A 23 -5.48 -29.96 -17.85
N LEU A 24 -6.37 -29.07 -18.26
CA LEU A 24 -6.48 -27.75 -17.66
C LEU A 24 -6.99 -27.83 -16.21
N LYS A 25 -7.98 -28.68 -16.01
CA LYS A 25 -8.57 -28.85 -14.68
C LYS A 25 -7.51 -29.32 -13.70
N LYS A 26 -6.66 -30.25 -14.14
CA LYS A 26 -5.57 -30.77 -13.32
C LYS A 26 -4.51 -29.71 -13.01
N GLU A 27 -4.09 -28.95 -14.02
CA GLU A 27 -3.19 -27.81 -13.85
C GLU A 27 -3.67 -26.89 -12.74
N ILE A 28 -4.96 -26.54 -12.80
CA ILE A 28 -5.58 -25.64 -11.83
C ILE A 28 -5.60 -26.24 -10.43
N GLU A 29 -5.95 -27.52 -10.33
CA GLU A 29 -5.89 -28.25 -9.07
C GLU A 29 -4.51 -28.17 -8.44
N ASP A 30 -3.48 -28.32 -9.27
CA ASP A 30 -2.10 -28.40 -8.83
C ASP A 30 -1.36 -27.06 -8.75
N SER A 31 -2.06 -25.96 -9.04
CA SER A 31 -1.42 -24.65 -9.05
C SER A 31 -1.16 -24.13 -7.63
N GLN A 32 -0.35 -23.08 -7.51
CA GLN A 32 -0.06 -22.44 -6.23
C GLN A 32 -0.01 -20.93 -6.45
N PRO A 33 -0.27 -20.12 -5.40
CA PRO A 33 -0.49 -20.44 -3.98
C PRO A 33 -1.94 -20.76 -3.63
N TYR A 34 -2.84 -20.49 -4.55
CA TYR A 34 -4.22 -20.95 -4.47
C TYR A 34 -4.58 -21.28 -5.92
N ASN A 35 -5.69 -21.97 -6.13
CA ASN A 35 -6.01 -22.50 -7.45
C ASN A 35 -6.31 -21.40 -8.45
N TRP A 36 -5.56 -21.41 -9.55
CA TRP A 36 -5.73 -20.44 -10.62
C TRP A 36 -5.31 -21.08 -11.94
N GLY A 37 -5.75 -20.48 -13.04
CA GLY A 37 -5.44 -21.02 -14.35
C GLY A 37 -5.18 -19.97 -15.41
N THR A 38 -4.60 -20.42 -16.52
CA THR A 38 -4.40 -19.55 -17.66
C THR A 38 -4.58 -20.32 -18.96
N ILE A 39 -5.12 -19.65 -19.98
CA ILE A 39 -5.25 -20.22 -21.32
C ILE A 39 -4.64 -19.23 -22.31
N HIS A 40 -3.77 -19.75 -23.18
CA HIS A 40 -3.13 -18.97 -24.23
C HIS A 40 -3.98 -19.08 -25.49
N GLU A 41 -4.05 -17.99 -26.25
CA GLU A 41 -4.77 -17.94 -27.53
C GLU A 41 -6.23 -18.40 -27.38
N LEU A 42 -6.94 -17.76 -26.46
CA LEU A 42 -8.29 -18.18 -26.06
C LEU A 42 -9.29 -18.01 -27.18
N VAL A 43 -9.29 -16.82 -27.76
CA VAL A 43 -10.33 -16.34 -28.65
C VAL A 43 -9.80 -16.37 -30.08
N ASN A 44 -10.71 -16.48 -31.04
CA ASN A 44 -10.42 -16.25 -32.44
C ASN A 44 -9.54 -14.99 -32.57
N ASP A 45 -8.38 -15.16 -33.18
CA ASP A 45 -7.38 -14.11 -33.29
C ASP A 45 -7.91 -12.86 -33.99
N ASP A 46 -8.65 -13.04 -35.11
CA ASP A 46 -9.27 -11.91 -35.83
C ASP A 46 -10.27 -11.14 -34.96
N LEU A 47 -11.07 -11.89 -34.21
CA LEU A 47 -12.05 -11.30 -33.31
C LEU A 47 -11.34 -10.38 -32.31
N LEU A 48 -10.34 -10.90 -31.62
CA LEU A 48 -9.69 -10.11 -30.57
C LEU A 48 -8.95 -8.90 -31.14
N ARG A 49 -8.30 -9.07 -32.29
CA ARG A 49 -7.63 -7.97 -32.97
C ARG A 49 -8.60 -6.84 -33.31
N ALA A 50 -9.81 -7.20 -33.74
CA ALA A 50 -10.82 -6.23 -34.11
C ALA A 50 -11.41 -5.53 -32.89
N VAL A 51 -11.49 -6.27 -31.79
CA VAL A 51 -11.91 -5.74 -30.49
C VAL A 51 -10.91 -4.70 -30.00
N ARG A 52 -9.63 -5.03 -30.10
CA ARG A 52 -8.57 -4.10 -29.73
C ARG A 52 -8.59 -2.83 -30.60
N LYS A 53 -8.79 -2.96 -31.90
CA LYS A 53 -8.95 -1.80 -32.79
C LYS A 53 -10.16 -0.96 -32.40
N GLU A 54 -11.29 -1.61 -32.11
CA GLU A 54 -12.50 -0.92 -31.65
C GLU A 54 -12.25 -0.12 -30.38
N ILE A 55 -11.55 -0.72 -29.43
CA ILE A 55 -11.27 -0.06 -28.16
C ILE A 55 -10.42 1.19 -28.37
N GLU A 56 -9.37 1.10 -29.18
CA GLU A 56 -8.49 2.23 -29.45
C GLU A 56 -9.20 3.39 -30.13
N THR A 57 -10.16 3.07 -30.99
CA THR A 57 -10.88 4.06 -31.75
C THR A 57 -12.06 4.68 -30.98
N GLU A 58 -12.74 3.88 -30.17
CA GLU A 58 -14.03 4.29 -29.60
C GLU A 58 -13.98 4.66 -28.13
N ILE A 59 -12.99 4.16 -27.40
CA ILE A 59 -12.96 4.39 -25.98
C ILE A 59 -11.82 5.32 -25.59
N HIS A 60 -12.15 6.31 -24.78
CA HIS A 60 -11.18 7.23 -24.22
C HIS A 60 -10.95 6.94 -22.74
N PHE A 61 -9.69 6.74 -22.37
CA PHE A 61 -9.34 6.34 -21.00
C PHE A 61 -8.88 7.51 -20.14
N THR A 62 -9.39 7.55 -18.93
CA THR A 62 -9.04 8.57 -17.96
C THR A 62 -8.27 7.94 -16.80
N LYS A 63 -7.11 8.51 -16.51
CA LYS A 63 -6.32 7.99 -15.40
C LYS A 63 -7.02 8.33 -14.08
N LYS A 64 -7.02 7.36 -13.18
CA LYS A 64 -7.67 7.51 -11.89
C LYS A 64 -6.74 6.94 -10.83
N GLU A 65 -6.48 7.70 -9.77
CA GLU A 65 -5.59 7.28 -8.70
C GLU A 65 -6.26 7.33 -7.33
N THR A 66 -6.09 6.26 -6.56
CA THR A 66 -6.55 6.20 -5.17
C THR A 66 -5.36 5.73 -4.33
N ASP A 67 -5.58 5.46 -3.04
CA ASP A 67 -4.52 4.86 -2.23
C ASP A 67 -4.12 3.49 -2.79
N ILE A 68 -5.11 2.76 -3.29
CA ILE A 68 -4.95 1.40 -3.73
C ILE A 68 -4.43 1.22 -5.16
N TYR A 69 -4.74 2.15 -6.08
CA TYR A 69 -4.34 1.94 -7.47
C TYR A 69 -4.05 3.21 -8.26
N ARG A 70 -3.49 3.04 -9.45
CA ARG A 70 -3.53 4.04 -10.49
C ARG A 70 -3.78 3.31 -11.81
N VAL A 71 -4.90 3.60 -12.44
CA VAL A 71 -5.38 2.84 -13.60
C VAL A 71 -6.03 3.81 -14.59
N ASN A 72 -5.80 3.61 -15.89
CA ASN A 72 -6.57 4.33 -16.91
C ASN A 72 -7.92 3.66 -17.12
N GLN A 73 -8.97 4.32 -16.63
CA GLN A 73 -10.30 3.72 -16.55
C GLN A 73 -11.25 4.20 -17.64
N SER A 74 -12.32 3.43 -17.84
CA SER A 74 -13.32 3.72 -18.87
C SER A 74 -14.75 3.56 -18.35
N GLY A 75 -14.89 3.30 -17.06
CA GLY A 75 -16.21 3.04 -16.49
C GLY A 75 -16.89 4.22 -15.81
N ASP A 76 -16.68 5.44 -16.32
CA ASP A 76 -17.36 6.62 -15.75
C ASP A 76 -18.88 6.51 -15.87
N LEU A 77 -19.58 6.86 -14.79
CA LEU A 77 -21.04 6.68 -14.70
C LEU A 77 -21.79 7.17 -15.94
N ALA A 78 -21.51 8.41 -16.35
CA ALA A 78 -22.19 9.06 -17.47
C ALA A 78 -21.76 8.57 -18.88
N ASN A 79 -20.82 7.62 -18.93
CA ASN A 79 -20.35 7.01 -20.19
C ASN A 79 -19.64 7.97 -21.15
N LEU A 80 -18.90 8.93 -20.58
CA LEU A 80 -18.12 9.88 -21.38
C LEU A 80 -16.95 9.22 -22.10
N SER A 81 -16.49 8.08 -21.57
CA SER A 81 -15.40 7.30 -22.17
C SER A 81 -15.75 6.73 -23.56
N GLY A 82 -17.04 6.59 -23.83
CA GLY A 82 -17.53 5.93 -25.04
C GLY A 82 -17.98 4.50 -24.77
N LEU A 83 -17.68 3.99 -23.57
CA LEU A 83 -18.07 2.64 -23.17
C LEU A 83 -19.40 2.65 -22.41
N ASP A 84 -20.40 2.02 -23.01
CA ASP A 84 -21.72 1.87 -22.41
C ASP A 84 -22.15 0.43 -22.63
N TRP A 85 -22.18 -0.34 -21.55
CA TRP A 85 -22.51 -1.76 -21.64
C TRP A 85 -23.95 -2.05 -22.08
N ASP A 86 -24.82 -1.03 -21.99
CA ASP A 86 -26.21 -1.13 -22.45
C ASP A 86 -26.37 -0.78 -23.93
N ASP A 87 -25.33 -0.19 -24.52
CA ASP A 87 -25.38 0.22 -25.93
C ASP A 87 -24.00 0.20 -26.56
N LEU A 88 -23.62 -0.97 -27.08
CA LEU A 88 -22.32 -1.12 -27.76
C LEU A 88 -22.46 -0.94 -29.27
N SER A 89 -23.27 0.04 -29.69
CA SER A 89 -23.48 0.33 -31.12
C SER A 89 -22.20 0.50 -31.91
N ARG A 90 -21.25 1.21 -31.32
CA ARG A 90 -20.01 1.54 -32.02
C ARG A 90 -18.92 0.50 -31.79
N LEU A 91 -19.23 -0.51 -30.97
CA LEU A 91 -18.29 -1.61 -30.66
C LEU A 91 -18.90 -3.01 -30.84
N PRO A 92 -19.34 -3.35 -32.07
CA PRO A 92 -20.02 -4.65 -32.27
C PRO A 92 -19.16 -5.87 -31.95
N ASN A 93 -17.86 -5.79 -32.24
CA ASN A 93 -16.96 -6.90 -31.92
C ASN A 93 -16.83 -7.12 -30.42
N LEU A 94 -16.81 -6.04 -29.65
CA LEU A 94 -16.85 -6.13 -28.19
C LEU A 94 -18.13 -6.81 -27.73
N PHE A 95 -19.26 -6.47 -28.34
CA PHE A 95 -20.54 -7.14 -28.06
C PHE A 95 -20.41 -8.65 -28.25
N LYS A 96 -19.86 -9.05 -29.40
CA LYS A 96 -19.61 -10.43 -29.72
C LYS A 96 -18.75 -11.09 -28.65
N LEU A 97 -17.68 -10.40 -28.24
CA LEU A 97 -16.77 -10.96 -27.24
C LEU A 97 -17.47 -11.23 -25.91
N ARG A 98 -18.25 -10.27 -25.42
CA ARG A 98 -19.02 -10.45 -24.20
C ARG A 98 -20.00 -11.64 -24.32
N GLN A 99 -20.63 -11.74 -25.49
CA GLN A 99 -21.62 -12.76 -25.76
C GLN A 99 -21.01 -14.15 -25.68
N ILE A 100 -19.85 -14.32 -26.29
CA ILE A 100 -19.21 -15.63 -26.32
C ILE A 100 -18.69 -16.03 -24.93
N LEU A 101 -18.19 -15.05 -24.17
CA LEU A 101 -17.60 -15.31 -22.88
C LEU A 101 -18.66 -15.68 -21.86
N TYR A 102 -19.89 -15.20 -22.07
CA TYR A 102 -20.96 -15.53 -21.14
C TYR A 102 -21.96 -16.53 -21.71
N SER A 103 -21.65 -17.06 -22.88
CA SER A 103 -22.43 -18.13 -23.49
C SER A 103 -22.46 -19.37 -22.61
N LYS A 104 -23.52 -20.16 -22.73
CA LYS A 104 -23.65 -21.42 -22.02
C LYS A 104 -22.43 -22.34 -22.26
N GLN A 105 -22.05 -22.48 -23.53
CA GLN A 105 -20.94 -23.34 -23.93
C GLN A 105 -19.67 -22.98 -23.17
N TYR A 106 -19.32 -21.69 -23.16
CA TYR A 106 -18.11 -21.27 -22.45
C TYR A 106 -18.22 -21.39 -20.94
N ARG A 107 -19.39 -21.05 -20.40
CA ARG A 107 -19.63 -21.13 -18.96
C ARG A 107 -19.50 -22.56 -18.44
N ASP A 108 -20.04 -23.52 -19.19
CA ASP A 108 -19.93 -24.94 -18.84
C ASP A 108 -18.49 -25.40 -18.79
N PHE A 109 -17.72 -25.01 -19.81
CA PHE A 109 -16.29 -25.28 -19.85
C PHE A 109 -15.57 -24.66 -18.66
N PHE A 110 -15.83 -23.36 -18.42
CA PHE A 110 -15.09 -22.58 -17.44
C PHE A 110 -15.42 -23.02 -16.03
N GLY A 111 -16.70 -23.35 -15.80
CA GLY A 111 -17.16 -23.83 -14.51
C GLY A 111 -16.61 -25.20 -14.18
N TYR A 112 -16.50 -26.05 -15.20
CA TYR A 112 -15.95 -27.39 -15.04
C TYR A 112 -14.45 -27.33 -14.68
N VAL A 113 -13.70 -26.61 -15.50
CA VAL A 113 -12.25 -26.51 -15.36
C VAL A 113 -11.78 -25.85 -14.04
N THR A 114 -12.56 -24.92 -13.51
CA THR A 114 -12.28 -24.25 -12.23
C THR A 114 -12.98 -24.87 -11.03
N LYS A 115 -13.82 -25.89 -11.25
CA LYS A 115 -14.61 -26.51 -10.17
C LYS A 115 -15.52 -25.51 -9.42
N ALA A 116 -16.02 -24.51 -10.14
CA ALA A 116 -16.85 -23.45 -9.56
C ALA A 116 -18.35 -23.73 -9.63
N GLY A 117 -18.75 -24.77 -10.37
CA GLY A 117 -20.17 -25.03 -10.61
C GLY A 117 -20.79 -24.11 -11.66
N LYS A 118 -22.06 -23.77 -11.45
CA LYS A 118 -22.82 -22.98 -12.43
C LYS A 118 -22.55 -21.47 -12.34
N LEU A 119 -22.76 -20.78 -13.45
CA LEU A 119 -22.41 -19.37 -13.58
C LEU A 119 -23.51 -18.58 -14.28
N SER A 120 -23.73 -17.34 -13.84
CA SER A 120 -24.74 -16.49 -14.48
C SER A 120 -24.40 -16.18 -15.93
N GLY A 121 -25.36 -16.37 -16.83
CA GLY A 121 -25.18 -16.00 -18.23
C GLY A 121 -25.59 -14.56 -18.49
N SER A 122 -26.46 -14.04 -17.62
CA SER A 122 -27.06 -12.72 -17.81
C SER A 122 -26.37 -11.64 -17.00
N LYS A 123 -25.76 -12.00 -15.86
CA LYS A 123 -25.08 -11.01 -15.04
C LYS A 123 -23.66 -10.80 -15.54
N THR A 124 -23.57 -10.14 -16.68
CA THR A 124 -22.30 -9.82 -17.30
C THR A 124 -21.68 -8.67 -16.51
N ASP A 125 -20.37 -8.75 -16.32
CA ASP A 125 -19.68 -7.84 -15.43
C ASP A 125 -18.23 -7.73 -15.86
N MET A 126 -17.95 -6.73 -16.68
CA MET A 126 -16.66 -6.55 -17.33
C MET A 126 -16.25 -5.10 -17.24
N SER A 127 -14.94 -4.85 -17.18
CA SER A 127 -14.43 -3.50 -17.26
C SER A 127 -13.16 -3.48 -18.10
N ILE A 128 -12.94 -2.37 -18.79
CA ILE A 128 -11.81 -2.25 -19.71
C ILE A 128 -10.83 -1.18 -19.21
N ASN A 129 -9.58 -1.60 -19.04
CA ASN A 129 -8.56 -0.71 -18.51
C ASN A 129 -7.25 -0.81 -19.25
N THR A 130 -6.50 0.29 -19.25
CA THR A 130 -5.11 0.26 -19.69
C THR A 130 -4.20 0.66 -18.53
N TYR A 131 -3.06 -0.01 -18.45
CA TYR A 131 -2.02 0.32 -17.52
C TYR A 131 -0.86 0.90 -18.33
N THR A 132 -0.51 2.15 -18.05
CA THR A 132 0.68 2.78 -18.63
C THR A 132 1.76 2.85 -17.53
N LYS A 133 2.89 3.46 -17.84
CA LYS A 133 3.99 3.58 -16.86
C LYS A 133 3.51 4.15 -15.51
N GLY A 134 3.77 3.41 -14.44
CA GLY A 134 3.39 3.85 -13.10
C GLY A 134 2.03 3.33 -12.63
N CYS A 135 1.25 2.78 -13.55
CA CYS A 135 -0.03 2.18 -13.19
C CYS A 135 0.18 0.88 -12.45
N HIS A 136 -0.71 0.59 -11.51
CA HIS A 136 -0.56 -0.54 -10.62
C HIS A 136 -1.88 -0.76 -9.90
N LEU A 137 -2.06 -1.95 -9.35
CA LEU A 137 -3.16 -2.24 -8.46
C LEU A 137 -2.65 -3.05 -7.28
N LEU A 138 -2.89 -2.54 -6.07
CA LEU A 138 -2.33 -3.14 -4.86
C LEU A 138 -3.12 -4.35 -4.34
N THR A 139 -2.55 -5.09 -3.40
CA THR A 139 -3.11 -6.38 -2.95
C THR A 139 -4.60 -6.31 -2.57
N HIS A 140 -5.37 -7.24 -3.15
CA HIS A 140 -6.79 -7.40 -2.85
C HIS A 140 -7.22 -8.83 -3.23
N ASP A 141 -8.44 -9.22 -2.85
CA ASP A 141 -8.86 -10.63 -3.03
C ASP A 141 -10.06 -10.87 -3.95
N ASP A 142 -10.65 -9.78 -4.44
CA ASP A 142 -11.80 -9.86 -5.34
C ASP A 142 -13.12 -10.33 -4.73
N VAL A 143 -13.15 -10.63 -3.42
CA VAL A 143 -14.40 -11.11 -2.79
C VAL A 143 -15.39 -9.97 -2.52
N ILE A 144 -16.26 -9.75 -3.51
CA ILE A 144 -17.27 -8.70 -3.52
C ILE A 144 -18.57 -9.29 -4.08
N GLY A 145 -19.72 -8.90 -3.52
CA GLY A 145 -21.03 -9.35 -3.99
C GLY A 145 -21.13 -10.82 -4.38
N SER A 146 -21.74 -11.06 -5.54
CA SER A 146 -21.98 -12.42 -6.04
C SER A 146 -20.87 -12.98 -6.95
N ARG A 147 -19.69 -12.35 -6.90
CA ARG A 147 -18.56 -12.80 -7.71
C ARG A 147 -18.11 -14.24 -7.37
N ARG A 148 -18.08 -15.09 -8.40
CA ARG A 148 -17.70 -16.49 -8.26
C ARG A 148 -16.35 -16.80 -8.93
N ILE A 149 -16.20 -16.42 -10.20
CA ILE A 149 -14.90 -16.51 -10.86
C ILE A 149 -14.44 -15.12 -11.28
N SER A 150 -13.19 -14.83 -11.04
CA SER A 150 -12.53 -13.67 -11.55
C SER A 150 -11.72 -13.98 -12.81
N PHE A 151 -11.78 -13.16 -13.83
CA PHE A 151 -10.93 -13.32 -14.99
C PHE A 151 -10.30 -12.03 -15.51
N ILE A 152 -9.12 -12.11 -16.12
CA ILE A 152 -8.57 -11.08 -17.00
C ILE A 152 -8.08 -11.56 -18.34
N LEU A 153 -8.59 -10.96 -19.38
CA LEU A 153 -8.07 -11.20 -20.68
C LEU A 153 -7.22 -10.05 -21.15
N TYR A 154 -6.06 -10.35 -21.66
CA TYR A 154 -5.06 -9.36 -21.91
C TYR A 154 -4.89 -9.05 -23.34
N LEU A 155 -4.91 -7.77 -23.66
CA LEU A 155 -4.80 -7.29 -25.04
C LEU A 155 -3.62 -6.30 -25.27
N PRO A 156 -2.40 -6.67 -24.83
CA PRO A 156 -1.26 -5.83 -25.24
C PRO A 156 -1.03 -5.98 -26.75
N ASP A 157 -0.13 -5.18 -27.32
CA ASP A 157 0.18 -5.24 -28.76
C ASP A 157 0.31 -6.69 -29.26
N PRO A 158 -0.58 -7.11 -30.19
CA PRO A 158 -0.61 -8.50 -30.64
C PRO A 158 0.62 -8.92 -31.43
N ASP A 159 1.43 -7.97 -31.86
CA ASP A 159 2.55 -8.29 -32.75
C ASP A 159 3.93 -8.08 -32.12
N ARG A 160 3.95 -7.92 -30.81
CA ARG A 160 5.20 -7.81 -30.06
C ARG A 160 5.04 -8.62 -28.79
N LYS A 161 6.15 -9.13 -28.27
CA LYS A 161 6.13 -9.84 -27.01
C LYS A 161 6.08 -8.83 -25.86
N TRP A 162 5.22 -9.08 -24.87
CA TRP A 162 5.22 -8.32 -23.64
C TRP A 162 6.22 -8.97 -22.69
N LYS A 163 7.23 -8.21 -22.29
CA LYS A 163 8.36 -8.78 -21.56
C LYS A 163 8.24 -8.61 -20.05
N SER A 164 8.96 -9.45 -19.30
CA SER A 164 8.99 -9.40 -17.82
C SER A 164 9.32 -8.00 -17.32
N HIS A 165 10.40 -7.43 -17.85
CA HIS A 165 10.88 -6.15 -17.35
C HIS A 165 9.91 -4.98 -17.63
N TYR A 166 8.92 -5.20 -18.49
CA TYR A 166 7.85 -4.22 -18.74
C TYR A 166 6.96 -4.06 -17.51
N GLY A 167 6.92 -5.09 -16.67
CA GLY A 167 6.05 -5.11 -15.52
C GLY A 167 4.62 -5.43 -15.90
N GLY A 168 3.68 -5.01 -15.06
CA GLY A 168 2.27 -5.30 -15.29
C GLY A 168 1.91 -6.76 -15.07
N GLY A 169 2.85 -7.55 -14.55
CA GLY A 169 2.55 -8.93 -14.24
C GLY A 169 1.41 -9.05 -13.24
N LEU A 170 0.66 -10.14 -13.34
CA LEU A 170 -0.32 -10.49 -12.34
C LEU A 170 0.40 -11.33 -11.26
N ARG A 171 0.27 -10.91 -10.00
CA ARG A 171 1.01 -11.59 -8.92
C ARG A 171 0.09 -12.12 -7.85
N LEU A 172 0.42 -13.32 -7.36
CA LEU A 172 -0.45 -14.03 -6.42
C LEU A 172 0.26 -14.31 -5.10
N PHE A 173 -0.51 -14.22 -4.01
CA PHE A 173 0.03 -14.23 -2.67
C PHE A 173 -0.36 -15.48 -1.88
N PRO A 174 0.64 -16.15 -1.28
CA PRO A 174 0.32 -17.19 -0.31
C PRO A 174 -0.24 -16.54 0.97
N SER A 175 -0.75 -17.35 1.89
CA SER A 175 -1.33 -16.84 3.13
C SER A 175 -0.64 -17.36 4.39
N ILE A 176 -0.37 -16.46 5.34
CA ILE A 176 0.18 -16.87 6.64
C ILE A 176 -0.89 -17.59 7.43
N LEU A 177 -2.11 -17.04 7.34
CA LEU A 177 -3.32 -17.77 7.72
C LEU A 177 -4.52 -17.07 7.06
N PRO A 178 -5.74 -17.65 7.15
CA PRO A 178 -6.87 -17.04 6.42
C PRO A 178 -6.96 -15.52 6.60
N ASN A 179 -7.22 -14.82 5.48
CA ASN A 179 -7.27 -13.36 5.43
C ASN A 179 -5.99 -12.63 5.84
N VAL A 180 -4.91 -13.36 6.03
CA VAL A 180 -3.61 -12.75 6.28
C VAL A 180 -2.62 -13.22 5.23
N PRO A 181 -2.53 -12.48 4.10
CA PRO A 181 -1.56 -12.82 3.07
C PRO A 181 -0.14 -12.56 3.54
N HIS A 182 0.80 -13.33 3.00
CA HIS A 182 2.19 -13.11 3.22
C HIS A 182 2.59 -11.89 2.40
N SER A 183 3.59 -11.15 2.90
CA SER A 183 3.95 -9.87 2.29
C SER A 183 4.37 -9.98 0.82
N ASP A 184 5.04 -11.08 0.49
CA ASP A 184 5.63 -11.21 -0.83
C ASP A 184 4.89 -12.26 -1.67
N PRO A 185 4.65 -11.95 -2.94
CA PRO A 185 3.90 -12.88 -3.82
C PRO A 185 4.75 -14.11 -4.14
N SER A 186 4.13 -15.24 -4.47
CA SER A 186 4.90 -16.44 -4.80
C SER A 186 4.75 -16.89 -6.25
N ALA A 187 3.87 -16.22 -6.98
CA ALA A 187 3.76 -16.49 -8.41
C ALA A 187 3.52 -15.19 -9.15
N LYS A 188 4.06 -15.11 -10.37
CA LYS A 188 3.82 -13.98 -11.27
C LYS A 188 3.58 -14.44 -12.71
N LEU A 189 2.48 -13.97 -13.29
CA LEU A 189 2.17 -14.24 -14.68
C LEU A 189 2.56 -13.05 -15.57
N VAL A 190 3.40 -13.29 -16.58
CA VAL A 190 3.67 -12.31 -17.63
C VAL A 190 2.75 -12.61 -18.82
N PRO A 191 1.71 -11.80 -19.01
CA PRO A 191 0.66 -12.20 -19.95
C PRO A 191 0.78 -11.58 -21.35
N GLN A 192 0.46 -12.38 -22.38
CA GLN A 192 0.52 -11.93 -23.77
C GLN A 192 -0.87 -11.62 -24.32
N PHE A 193 -0.89 -11.08 -25.53
CA PHE A 193 -2.13 -10.90 -26.27
C PHE A 193 -2.92 -12.20 -26.33
N ASN A 194 -4.22 -12.09 -26.12
CA ASN A 194 -5.15 -13.21 -26.21
C ASN A 194 -4.94 -14.26 -25.12
N GLN A 195 -4.28 -13.86 -24.03
CA GLN A 195 -4.15 -14.75 -22.89
C GLN A 195 -5.17 -14.34 -21.83
N ILE A 196 -5.78 -15.35 -21.21
CA ILE A 196 -6.68 -15.13 -20.09
C ILE A 196 -6.10 -15.74 -18.80
N ALA A 197 -6.18 -15.03 -17.69
CA ALA A 197 -5.88 -15.62 -16.38
C ALA A 197 -7.14 -15.56 -15.55
N PHE A 198 -7.30 -16.49 -14.62
CA PHE A 198 -8.56 -16.60 -13.90
C PHE A 198 -8.41 -17.45 -12.65
N PHE A 199 -9.35 -17.26 -11.73
CA PHE A 199 -9.44 -18.08 -10.53
C PHE A 199 -10.81 -17.99 -9.87
N LYS A 200 -11.22 -19.08 -9.25
CA LYS A 200 -12.37 -19.07 -8.37
C LYS A 200 -12.08 -18.12 -7.21
N VAL A 201 -12.98 -17.16 -7.01
CA VAL A 201 -12.89 -16.25 -5.88
C VAL A 201 -12.93 -17.07 -4.59
N LEU A 202 -11.85 -16.99 -3.82
CA LEU A 202 -11.70 -17.71 -2.56
C LEU A 202 -11.59 -16.73 -1.40
N PRO A 203 -12.72 -16.47 -0.72
CA PRO A 203 -12.71 -15.56 0.43
C PRO A 203 -11.64 -15.97 1.43
N GLY A 204 -10.81 -15.02 1.84
CA GLY A 204 -9.71 -15.28 2.77
C GLY A 204 -8.40 -15.73 2.15
N PHE A 205 -8.39 -16.01 0.85
CA PHE A 205 -7.23 -16.65 0.22
C PHE A 205 -6.79 -16.07 -1.13
N SER A 206 -7.75 -15.69 -1.98
CA SER A 206 -7.44 -15.33 -3.36
C SER A 206 -6.78 -13.95 -3.51
N PHE A 207 -5.70 -13.74 -2.76
CA PHE A 207 -4.98 -12.46 -2.77
C PHE A 207 -4.03 -12.31 -3.95
N HIS A 208 -4.20 -11.21 -4.67
CA HIS A 208 -3.42 -10.93 -5.85
C HIS A 208 -3.24 -9.42 -6.05
N ASP A 209 -2.27 -9.04 -6.88
CA ASP A 209 -2.11 -7.64 -7.26
C ASP A 209 -1.62 -7.54 -8.71
N VAL A 210 -1.60 -6.31 -9.24
CA VAL A 210 -1.01 -6.08 -10.56
C VAL A 210 0.28 -5.30 -10.38
N GLU A 211 1.38 -5.95 -10.75
CA GLU A 211 2.71 -5.36 -10.65
C GLU A 211 2.76 -4.09 -11.51
N GLU A 212 3.35 -3.04 -10.96
CA GLU A 212 3.49 -1.76 -11.68
C GLU A 212 4.07 -1.97 -13.08
N VAL A 213 3.55 -1.23 -14.05
CA VAL A 213 4.14 -1.21 -15.40
C VAL A 213 5.37 -0.29 -15.33
N LYS A 214 6.54 -0.86 -15.60
CA LYS A 214 7.82 -0.22 -15.27
C LYS A 214 8.42 0.52 -16.44
N VAL A 215 7.68 0.59 -17.52
CA VAL A 215 8.24 0.96 -18.80
C VAL A 215 7.20 1.77 -19.58
N ASP A 216 7.64 2.53 -20.57
CA ASP A 216 6.72 3.40 -21.30
C ASP A 216 5.93 2.65 -22.38
N LYS A 217 5.00 1.80 -21.95
CA LYS A 217 4.17 0.98 -22.83
C LYS A 217 2.72 0.99 -22.35
N HIS A 218 1.78 0.76 -23.27
CA HIS A 218 0.36 0.69 -22.96
C HIS A 218 -0.08 -0.76 -22.94
N ARG A 219 -0.73 -1.16 -21.85
CA ARG A 219 -1.25 -2.52 -21.72
C ARG A 219 -2.75 -2.51 -21.48
N LEU A 220 -3.48 -2.84 -22.53
CA LEU A 220 -4.93 -2.90 -22.47
C LEU A 220 -5.34 -4.27 -21.95
N SER A 221 -6.36 -4.29 -21.09
CA SER A 221 -6.91 -5.55 -20.62
C SER A 221 -8.41 -5.46 -20.39
N ILE A 222 -9.09 -6.60 -20.56
CA ILE A 222 -10.51 -6.72 -20.24
C ILE A 222 -10.69 -7.62 -19.01
N GLN A 223 -11.20 -7.00 -17.95
CA GLN A 223 -11.37 -7.64 -16.65
C GLN A 223 -12.84 -8.00 -16.47
N GLY A 224 -13.12 -9.10 -15.80
CA GLY A 224 -14.51 -9.49 -15.61
C GLY A 224 -14.75 -10.50 -14.51
N TRP A 225 -16.03 -10.71 -14.22
CA TRP A 225 -16.42 -11.71 -13.24
C TRP A 225 -17.58 -12.55 -13.73
N TYR A 226 -17.58 -13.81 -13.31
CA TYR A 226 -18.74 -14.68 -13.42
C TYR A 226 -19.37 -14.70 -12.04
N HIS A 227 -20.70 -14.56 -12.02
CA HIS A 227 -21.41 -14.45 -10.76
C HIS A 227 -22.24 -15.70 -10.50
N ILE A 228 -22.61 -15.88 -9.23
CA ILE A 228 -23.61 -16.86 -8.82
C ILE A 228 -24.86 -16.74 -9.72
N PRO A 229 -25.43 -17.88 -10.14
CA PRO A 229 -26.66 -17.88 -10.97
C PRO A 229 -27.81 -17.07 -10.36
N GLN A 230 -28.51 -16.34 -11.22
CA GLN A 230 -29.64 -15.52 -10.81
C GLN A 230 -30.91 -16.29 -11.08
N VAL A 231 -32.04 -15.74 -10.61
CA VAL A 231 -33.35 -16.35 -10.81
C VAL A 231 -33.59 -16.69 -12.28
N GLY A 232 -34.09 -17.89 -12.53
CA GLY A 232 -34.47 -18.31 -13.87
C GLY A 232 -33.35 -18.95 -14.66
N GLU A 233 -32.16 -18.99 -14.06
CA GLU A 233 -30.97 -19.54 -14.72
C GLU A 233 -30.59 -20.91 -14.17
N GLU A 234 -29.88 -21.68 -14.97
CA GLU A 234 -29.33 -22.97 -14.57
C GLU A 234 -28.48 -22.86 -13.32
N GLY A 235 -28.72 -23.75 -12.36
CA GLY A 235 -27.96 -23.78 -11.11
C GLY A 235 -28.47 -22.80 -10.07
N TYR A 236 -29.55 -22.08 -10.39
CA TYR A 236 -30.12 -21.11 -9.46
C TYR A 236 -30.67 -21.78 -8.20
N ILE A 237 -30.18 -21.31 -7.05
CA ILE A 237 -30.63 -21.80 -5.76
C ILE A 237 -31.12 -20.59 -4.97
N PRO A 238 -32.42 -20.56 -4.63
CA PRO A 238 -32.94 -19.42 -3.86
C PRO A 238 -32.21 -19.32 -2.51
N GLY A 239 -31.81 -18.11 -2.13
CA GLY A 239 -31.09 -17.90 -0.87
C GLY A 239 -29.56 -17.99 -0.94
N GLU A 240 -29.04 -18.64 -1.97
CA GLU A 240 -27.60 -18.89 -2.06
C GLU A 240 -26.76 -17.60 -2.10
N GLU A 241 -27.15 -16.67 -2.98
CA GLU A 241 -26.42 -15.41 -3.14
C GLU A 241 -26.37 -14.60 -1.83
N GLU A 242 -27.51 -14.52 -1.14
CA GLU A 242 -27.60 -13.78 0.13
C GLU A 242 -26.80 -14.47 1.23
N ALA A 243 -26.85 -15.80 1.25
CA ALA A 243 -26.07 -16.59 2.18
C ALA A 243 -24.58 -16.31 1.98
N TRP A 244 -24.15 -16.32 0.72
CA TRP A 244 -22.78 -15.97 0.33
C TRP A 244 -22.36 -14.57 0.78
N VAL A 245 -23.16 -13.56 0.42
CA VAL A 245 -22.81 -12.16 0.70
C VAL A 245 -22.66 -11.83 2.19
N ARG A 246 -23.63 -12.27 3.01
CA ARG A 246 -23.56 -11.96 4.44
C ARG A 246 -22.45 -12.73 5.15
N ASN A 247 -22.15 -13.93 4.66
CA ASN A 247 -21.09 -14.75 5.22
C ASN A 247 -19.69 -14.28 4.85
N ASN A 248 -19.60 -13.17 4.13
CA ASN A 248 -18.32 -12.53 3.79
C ASN A 248 -18.20 -11.12 4.36
N THR A 249 -18.89 -10.85 5.47
CA THR A 249 -18.80 -9.54 6.15
C THR A 249 -18.73 -9.70 7.67
N ASN A 258 -11.80 -6.50 15.61
CA ASN A 258 -11.83 -7.96 15.57
C ASN A 258 -10.44 -8.63 15.74
N VAL A 259 -10.40 -9.95 15.53
CA VAL A 259 -9.20 -10.77 15.77
C VAL A 259 -8.02 -10.48 14.84
N LEU A 260 -8.32 -9.95 13.65
CA LEU A 260 -7.30 -9.76 12.61
C LEU A 260 -6.25 -8.69 12.89
N GLU A 261 -6.61 -7.65 13.64
CA GLU A 261 -5.66 -6.57 13.99
C GLU A 261 -4.46 -7.05 14.83
N ASP A 262 -4.56 -8.25 15.39
CA ASP A 262 -3.44 -8.91 16.03
C ASP A 262 -2.29 -9.22 15.07
N PHE A 263 -2.60 -9.38 13.79
CA PHE A 263 -1.59 -9.78 12.81
C PHE A 263 -1.00 -8.59 12.06
N GLU A 264 -1.37 -7.40 12.44
CA GLU A 264 -0.77 -6.19 11.96
C GLU A 264 0.46 -5.70 12.70
N PHE A 265 1.46 -5.26 11.95
CA PHE A 265 2.66 -4.72 12.53
C PHE A 265 3.18 -3.63 11.65
N PRO A 266 3.63 -2.54 12.22
CA PRO A 266 3.74 -2.33 13.67
C PRO A 266 2.39 -1.97 14.29
N LYS A 267 2.24 -2.16 15.59
CA LYS A 267 1.02 -1.78 16.27
C LYS A 267 0.92 -0.28 16.34
N ASP A 268 -0.29 0.24 16.20
CA ASP A 268 -0.60 1.64 16.40
C ASP A 268 -0.72 1.87 17.91
N GLU A 269 0.41 1.81 18.59
CA GLU A 269 0.46 1.80 20.04
C GLU A 269 1.45 2.81 20.54
N ARG A 270 1.05 3.57 21.55
CA ARG A 270 1.94 4.53 22.17
C ARG A 270 2.20 4.18 23.62
N ASN A 271 3.42 4.43 24.05
CA ASN A 271 3.77 4.24 25.44
C ASN A 271 3.64 5.53 26.22
N ILE A 272 3.17 5.44 27.46
CA ILE A 272 3.00 6.61 28.30
C ILE A 272 4.35 7.14 28.77
N LEU A 273 4.44 8.45 28.95
CA LEU A 273 5.68 9.07 29.37
C LEU A 273 5.83 9.04 30.89
N SER A 274 7.06 9.22 31.36
CA SER A 274 7.35 9.26 32.79
C SER A 274 6.73 10.49 33.44
N PHE A 275 6.59 10.46 34.77
CA PHE A 275 6.10 11.61 35.54
C PHE A 275 6.97 12.85 35.36
N HIS A 276 8.29 12.65 35.37
CA HIS A 276 9.24 13.74 35.18
C HIS A 276 8.90 14.54 33.92
N GLU A 277 8.67 13.82 32.82
CA GLU A 277 8.35 14.45 31.53
C GLU A 277 7.08 15.28 31.61
N VAL A 278 5.99 14.67 32.07
CA VAL A 278 4.69 15.32 32.05
C VAL A 278 4.65 16.59 32.91
N LYS A 279 5.24 16.53 34.10
CA LYS A 279 5.22 17.68 34.99
C LYS A 279 6.03 18.87 34.43
N HIS A 280 7.08 18.57 33.66
CA HIS A 280 7.83 19.59 32.92
C HIS A 280 6.97 20.31 31.88
N PHE A 281 6.07 19.56 31.23
CA PHE A 281 5.17 20.15 30.26
C PHE A 281 4.08 20.95 30.96
N GLU A 282 3.49 20.36 32.00
CA GLU A 282 2.47 21.02 32.83
C GLU A 282 2.96 22.34 33.42
N LYS A 283 4.14 22.31 34.04
CA LYS A 283 4.73 23.48 34.68
C LYS A 283 4.89 24.64 33.70
N MET A 284 5.38 24.31 32.51
CA MET A 284 5.64 25.28 31.45
C MET A 284 4.37 25.94 30.93
N LEU A 285 3.26 25.20 30.94
CA LEU A 285 2.00 25.69 30.38
C LEU A 285 0.93 26.02 31.44
N LYS A 286 1.35 26.28 32.68
CA LYS A 286 0.44 26.74 33.73
C LYS A 286 0.53 28.26 33.90
N VAL A 309 5.46 28.08 27.83
CA VAL A 309 5.69 29.53 27.81
C VAL A 309 7.19 29.90 27.94
N LYS A 310 7.98 29.04 28.60
CA LYS A 310 9.38 29.36 28.89
C LYS A 310 10.34 28.15 28.78
N LEU A 311 11.32 28.29 27.89
CA LEU A 311 12.43 27.36 27.75
C LEU A 311 13.71 28.08 28.14
N SER A 312 14.54 27.41 28.93
CA SER A 312 15.81 27.98 29.38
C SER A 312 16.84 28.00 28.26
N GLU A 313 17.91 28.75 28.46
CA GLU A 313 18.97 28.84 27.45
C GLU A 313 19.74 27.54 27.26
N ALA A 314 19.90 26.75 28.32
CA ALA A 314 20.48 25.42 28.22
C ALA A 314 19.61 24.52 27.31
N GLU A 315 18.29 24.70 27.41
CA GLU A 315 17.34 23.92 26.63
C GLU A 315 17.36 24.28 25.14
N PHE A 316 17.39 25.58 24.83
CA PHE A 316 17.59 26.03 23.46
C PHE A 316 18.91 25.55 22.89
N THR A 317 19.93 25.45 23.75
CA THR A 317 21.23 24.94 23.32
C THR A 317 21.14 23.45 22.94
N TYR A 318 20.38 22.68 23.74
CA TYR A 318 20.15 21.30 23.41
C TYR A 318 19.35 21.15 22.11
N LEU A 319 18.34 21.99 21.93
CA LEU A 319 17.50 21.93 20.74
C LEU A 319 18.26 22.31 19.48
N SER A 320 19.23 23.21 19.61
CA SER A 320 19.98 23.71 18.46
C SER A 320 20.99 22.71 17.96
N GLN A 321 21.17 21.61 18.69
CA GLN A 321 21.98 20.49 18.22
C GLN A 321 21.41 19.92 16.92
N TYR A 322 20.08 19.95 16.81
CA TYR A 322 19.36 19.35 15.69
C TYR A 322 18.51 20.32 14.87
N ILE A 323 17.78 21.21 15.55
CA ILE A 323 16.81 22.05 14.87
C ILE A 323 17.43 23.32 14.27
N SER A 324 16.86 23.78 13.18
CA SER A 324 17.27 25.01 12.53
C SER A 324 17.00 26.24 13.41
N PRO A 325 17.95 27.19 13.46
CA PRO A 325 17.76 28.39 14.29
C PRO A 325 16.52 29.21 13.91
N GLU A 326 16.12 29.14 12.65
CA GLU A 326 14.87 29.76 12.19
C GLU A 326 13.66 29.36 13.06
N HIS A 327 13.65 28.11 13.51
CA HIS A 327 12.49 27.59 14.24
C HIS A 327 12.66 27.66 15.76
N LEU A 328 13.79 28.22 16.20
CA LEU A 328 14.10 28.35 17.63
C LEU A 328 14.10 29.81 18.13
N SER A 329 14.00 30.75 17.19
CA SER A 329 13.95 32.18 17.51
C SER A 329 12.57 32.54 18.03
N SER A 330 12.48 33.67 18.74
CA SER A 330 11.24 34.07 19.39
C SER A 330 10.09 34.38 18.42
N LYS A 331 10.42 35.00 17.29
CA LYS A 331 9.42 35.33 16.26
C LYS A 331 9.15 34.14 15.36
N GLY A 332 10.19 33.34 15.11
CA GLY A 332 10.04 32.05 14.44
C GLY A 332 9.06 31.15 15.18
N ILE A 333 9.24 31.02 16.48
CA ILE A 333 8.34 30.23 17.33
C ILE A 333 6.94 30.81 17.35
N GLU A 334 6.88 32.14 17.41
CA GLU A 334 5.60 32.86 17.46
C GLU A 334 4.77 32.63 16.21
N LYS A 335 5.45 32.60 15.05
CA LYS A 335 4.80 32.29 13.79
C LYS A 335 4.24 30.86 13.79
N LEU A 336 5.07 29.89 14.20
CA LEU A 336 4.64 28.49 14.25
C LEU A 336 3.42 28.32 15.14
N GLN A 337 3.48 28.92 16.33
CA GLN A 337 2.41 28.84 17.32
C GLN A 337 1.08 29.30 16.77
N LYS A 338 1.10 30.37 15.99
CA LYS A 338 -0.13 30.94 15.47
C LYS A 338 -0.65 30.14 14.24
N GLN A 339 0.26 29.62 13.43
CA GLN A 339 -0.10 28.71 12.34
C GLN A 339 -0.81 27.48 12.89
N PHE A 340 -0.34 26.99 14.03
CA PHE A 340 -0.94 25.83 14.65
C PHE A 340 -2.32 26.12 15.23
N VAL A 341 -2.52 27.31 15.79
CA VAL A 341 -3.83 27.68 16.32
C VAL A 341 -4.86 27.72 15.19
N GLU A 342 -4.45 28.26 14.04
CA GLU A 342 -5.31 28.44 12.88
C GLU A 342 -5.62 27.15 12.12
N ASN A 343 -4.57 26.39 11.80
CA ASN A 343 -4.69 25.25 10.91
C ASN A 343 -4.74 23.89 11.62
N SER A 344 -4.39 23.88 12.90
CA SER A 344 -4.20 22.64 13.67
C SER A 344 -3.23 21.70 12.96
N SER A 345 -2.22 22.31 12.35
CA SER A 345 -1.16 21.61 11.63
C SER A 345 0.00 22.55 11.37
N LEU A 346 1.17 21.98 11.15
CA LEU A 346 2.34 22.73 10.72
C LEU A 346 2.99 22.00 9.57
N GLN A 347 3.50 22.77 8.61
CA GLN A 347 4.29 22.22 7.52
C GLN A 347 5.53 23.06 7.47
N ILE A 348 6.58 22.58 8.12
CA ILE A 348 7.81 23.31 8.29
C ILE A 348 8.84 22.84 7.27
N GLU A 349 9.49 23.80 6.61
CA GLU A 349 10.59 23.51 5.69
C GLU A 349 11.93 23.73 6.38
N SER A 350 12.99 23.12 5.85
CA SER A 350 14.32 23.15 6.46
C SER A 350 14.25 23.06 8.00
N PHE A 351 13.72 21.96 8.48
CA PHE A 351 13.47 21.79 9.91
C PHE A 351 14.76 21.62 10.71
N LEU A 352 15.59 20.66 10.30
CA LEU A 352 16.83 20.37 10.97
C LEU A 352 17.91 21.35 10.52
N ASN A 353 18.86 21.65 11.40
CA ASN A 353 19.95 22.57 11.07
C ASN A 353 20.84 22.04 9.96
N ASP A 354 21.71 22.89 9.43
CA ASP A 354 22.57 22.55 8.29
C ASP A 354 23.52 21.39 8.55
N ASP A 355 24.06 21.34 9.77
CA ASP A 355 25.01 20.30 10.18
C ASP A 355 24.36 18.92 10.12
N LYS A 356 23.18 18.80 10.71
CA LYS A 356 22.49 17.52 10.82
C LYS A 356 21.83 17.14 9.49
N SER A 357 21.26 18.14 8.81
CA SER A 357 20.77 17.96 7.45
C SER A 357 21.83 17.39 6.52
N GLU A 358 23.06 17.93 6.59
CA GLU A 358 24.15 17.45 5.73
C GLU A 358 24.65 16.06 6.09
N LEU A 359 24.74 15.77 7.39
CA LEU A 359 25.12 14.44 7.85
C LEU A 359 24.12 13.43 7.28
N LEU A 360 22.83 13.66 7.54
CA LEU A 360 21.79 12.73 7.17
C LEU A 360 21.69 12.51 5.65
N LYS A 361 21.86 13.59 4.89
CA LYS A 361 21.80 13.50 3.43
C LYS A 361 22.94 12.68 2.88
N LYS A 362 24.12 12.85 3.48
CA LYS A 362 25.30 12.12 3.06
C LYS A 362 25.16 10.62 3.34
N VAL A 363 24.64 10.25 4.52
CA VAL A 363 24.55 8.82 4.87
C VAL A 363 23.40 8.11 4.14
N ILE A 364 22.28 8.81 3.97
CA ILE A 364 21.14 8.27 3.23
C ILE A 364 21.47 8.11 1.72
N LYS A 365 22.03 9.16 1.13
CA LYS A 365 22.47 9.12 -0.27
C LYS A 365 23.47 7.99 -0.51
N GLN A 366 24.42 7.83 0.41
CA GLN A 366 25.44 6.79 0.32
C GLN A 366 24.80 5.41 0.40
N LYS A 367 23.81 5.22 1.27
CA LYS A 367 23.15 3.93 1.38
C LYS A 367 22.38 3.61 0.09
N GLU A 368 21.71 4.62 -0.46
CA GLU A 368 20.90 4.48 -1.68
C GLU A 368 21.72 4.12 -2.91
N LEU A 369 22.92 4.69 -3.03
CA LEU A 369 23.70 4.56 -4.26
C LEU A 369 24.74 3.45 -4.23
N GLU A 370 25.09 2.98 -3.04
CA GLU A 370 26.21 2.05 -2.90
C GLU A 370 25.85 0.75 -2.19
N GLN A 371 24.66 0.70 -1.61
CA GLN A 371 24.25 -0.48 -0.86
C GLN A 371 23.06 -1.15 -1.52
N GLU A 372 22.95 -2.47 -1.29
CA GLU A 372 21.81 -3.21 -1.79
C GLU A 372 20.73 -3.24 -0.73
N CYS A 373 19.49 -3.20 -1.21
CA CYS A 373 18.32 -3.08 -0.37
C CYS A 373 17.55 -4.39 -0.43
N PRO A 374 17.13 -4.93 0.74
CA PRO A 374 16.32 -6.14 0.76
C PRO A 374 14.99 -5.93 0.05
N TYR A 375 14.66 -6.80 -0.90
CA TYR A 375 13.40 -6.68 -1.66
C TYR A 375 12.42 -7.83 -1.44
N HIS A 376 12.63 -8.56 -0.34
CA HIS A 376 11.74 -9.65 0.09
C HIS A 376 11.83 -9.62 1.60
N SER A 377 10.70 -9.81 2.28
CA SER A 377 10.69 -9.71 3.75
C SER A 377 11.62 -10.71 4.47
N LYS A 378 11.95 -11.82 3.82
CA LYS A 378 12.87 -12.79 4.41
C LYS A 378 14.32 -12.29 4.42
N ASP A 379 14.62 -11.32 3.57
CA ASP A 379 15.98 -10.77 3.47
C ASP A 379 16.23 -9.55 4.37
N VAL A 380 15.17 -9.04 5.00
CA VAL A 380 15.26 -7.89 5.89
C VAL A 380 15.96 -8.27 7.20
N LYS A 381 17.02 -7.54 7.54
CA LYS A 381 17.79 -7.80 8.74
C LYS A 381 17.73 -6.66 9.76
N ALA A 382 18.19 -6.94 10.98
CA ALA A 382 18.24 -5.95 12.04
C ALA A 382 18.97 -4.71 11.52
N PRO A 383 18.47 -3.51 11.90
CA PRO A 383 17.37 -3.31 12.84
C PRO A 383 16.00 -3.15 12.17
N TRP A 384 15.84 -3.64 10.95
CA TRP A 384 14.63 -3.40 10.17
C TRP A 384 13.56 -4.48 10.35
N LYS A 385 12.30 -4.05 10.25
CA LYS A 385 11.13 -4.91 10.26
C LYS A 385 10.29 -4.59 9.04
N THR A 386 9.48 -5.56 8.60
CA THR A 386 8.54 -5.36 7.49
C THR A 386 7.13 -5.17 8.01
N ALA A 387 6.51 -4.05 7.65
CA ALA A 387 5.10 -3.81 7.97
C ALA A 387 4.22 -4.81 7.24
N ILE A 388 3.30 -5.43 7.97
CA ILE A 388 2.40 -6.46 7.45
C ILE A 388 1.00 -6.29 8.04
N PRO A 389 -0.05 -6.82 7.38
CA PRO A 389 -0.14 -7.58 6.12
C PRO A 389 -0.26 -6.68 4.88
N PRO A 390 0.10 -7.21 3.69
CA PRO A 390 0.25 -6.42 2.46
C PRO A 390 -1.06 -5.94 1.82
N HIS A 391 -2.21 -6.34 2.36
CA HIS A 391 -3.46 -5.76 1.91
C HIS A 391 -3.83 -4.60 2.83
N LYS A 392 -2.92 -4.23 3.72
CA LYS A 392 -3.04 -3.05 4.56
C LYS A 392 -1.86 -2.08 4.41
N ALA A 393 -0.66 -2.62 4.24
CA ALA A 393 0.54 -1.81 4.12
C ALA A 393 1.73 -2.68 3.78
N ARG A 394 2.77 -2.02 3.27
CA ARG A 394 4.10 -2.61 3.19
C ARG A 394 5.14 -1.49 3.26
N TYR A 395 6.11 -1.65 4.15
CA TYR A 395 7.30 -0.80 4.24
C TYR A 395 8.27 -1.36 5.26
N LEU A 396 9.46 -0.80 5.28
CA LEU A 396 10.47 -1.15 6.26
C LEU A 396 10.43 -0.13 7.39
N TYR A 397 10.66 -0.59 8.62
CA TYR A 397 10.66 0.32 9.73
C TYR A 397 11.62 -0.09 10.81
N ILE A 398 12.10 0.91 11.57
CA ILE A 398 12.89 0.68 12.78
C ILE A 398 12.03 1.16 13.92
N ASP A 399 11.71 0.25 14.83
CA ASP A 399 10.89 0.62 15.99
C ASP A 399 11.65 0.58 17.32
N GLY A 400 12.86 0.03 17.29
CA GLY A 400 13.65 -0.11 18.50
C GLY A 400 13.34 -1.38 19.29
N LYS A 401 12.40 -2.19 18.80
CA LYS A 401 12.07 -3.46 19.48
C LYS A 401 13.00 -4.58 19.04
N GLU A 402 12.96 -5.70 19.76
CA GLU A 402 13.77 -6.86 19.38
C GLU A 402 13.43 -7.32 17.96
N TYR A 403 14.44 -7.86 17.29
CA TYR A 403 14.33 -8.21 15.90
C TYR A 403 13.15 -9.14 15.67
N ARG A 404 12.45 -8.91 14.56
CA ARG A 404 11.29 -9.72 14.24
C ARG A 404 11.17 -9.92 12.73
N ASN A 405 11.02 -11.18 12.32
CA ASN A 405 10.83 -11.51 10.92
C ASN A 405 9.71 -12.52 10.78
N PHE A 406 8.54 -12.05 10.34
CA PHE A 406 7.33 -12.85 10.36
C PHE A 406 7.11 -13.64 9.07
N GLN A 407 7.46 -14.91 9.11
CA GLN A 407 7.26 -15.80 7.97
C GLN A 407 6.16 -16.84 8.22
N THR A 408 5.84 -17.09 9.49
CA THR A 408 4.82 -18.08 9.85
C THR A 408 3.88 -17.54 10.92
N GLU A 409 2.74 -18.21 11.07
CA GLU A 409 1.81 -17.92 12.14
C GLU A 409 2.53 -18.00 13.49
N ALA A 410 3.38 -19.01 13.64
CA ALA A 410 4.18 -19.23 14.84
C ALA A 410 5.01 -17.99 15.23
N ASP A 411 5.73 -17.43 14.26
CA ASP A 411 6.52 -16.20 14.44
C ASP A 411 5.67 -15.06 15.01
N ILE A 412 4.45 -14.94 14.51
CA ILE A 412 3.52 -13.91 14.95
C ILE A 412 2.98 -14.19 16.35
N LEU A 413 2.56 -15.42 16.59
CA LEU A 413 2.00 -15.81 17.90
C LEU A 413 3.00 -15.60 19.03
N GLU A 414 4.27 -15.90 18.74
CA GLU A 414 5.37 -15.70 19.66
C GLU A 414 5.53 -14.22 20.05
N ALA A 415 5.44 -13.33 19.06
CA ALA A 415 5.57 -11.90 19.31
C ALA A 415 4.45 -11.42 20.22
N LEU A 416 3.25 -11.95 19.99
CA LEU A 416 2.07 -11.57 20.74
C LEU A 416 2.09 -12.10 22.17
N ASN A 417 2.71 -13.26 22.38
CA ASN A 417 2.88 -13.76 23.74
C ASN A 417 3.99 -13.03 24.50
N ASN A 418 5.01 -12.53 23.78
CA ASN A 418 6.14 -11.82 24.40
C ASN A 418 6.30 -10.39 23.90
N ASN A 419 5.36 -9.51 24.23
CA ASN A 419 5.49 -8.11 23.85
C ASN A 419 6.70 -7.48 24.52
N ASP A 420 7.48 -6.74 23.73
CA ASP A 420 8.59 -5.93 24.25
C ASP A 420 8.37 -4.46 23.88
N LEU A 421 9.13 -3.56 24.52
CA LEU A 421 9.02 -2.13 24.27
C LEU A 421 10.29 -1.61 23.60
N PRO A 422 10.21 -0.45 22.89
CA PRO A 422 11.37 0.08 22.17
C PRO A 422 12.56 0.45 23.06
N ASN A 423 13.75 0.09 22.62
CA ASN A 423 14.93 0.65 23.20
C ASN A 423 15.92 0.95 22.11
N PHE A 424 16.03 2.23 21.79
CA PHE A 424 16.87 2.70 20.70
C PHE A 424 18.37 2.53 20.97
N GLN A 425 18.79 2.80 22.20
CA GLN A 425 20.22 2.67 22.54
C GLN A 425 20.71 1.23 22.42
N PHE A 426 19.89 0.28 22.89
CA PHE A 426 20.21 -1.14 22.71
C PHE A 426 20.25 -1.54 21.23
N THR A 427 19.32 -0.98 20.44
CA THR A 427 19.29 -1.22 19.00
C THR A 427 20.57 -0.70 18.36
N LYS A 428 20.92 0.53 18.69
CA LYS A 428 22.19 1.14 18.34
C LYS A 428 23.38 0.24 18.72
N ASP A 429 23.42 -0.23 19.97
CA ASP A 429 24.47 -1.14 20.43
C ASP A 429 24.57 -2.38 19.55
N ALA A 430 23.44 -3.05 19.31
CA ALA A 430 23.41 -4.27 18.52
C ALA A 430 24.00 -4.06 17.13
N ILE A 431 23.63 -2.95 16.50
CA ILE A 431 24.13 -2.57 15.18
C ILE A 431 25.67 -2.52 15.13
N LYS A 432 26.27 -1.93 16.15
CA LYS A 432 27.73 -1.82 16.22
C LYS A 432 28.39 -3.19 16.25
N ILE A 433 27.80 -4.13 16.99
CA ILE A 433 28.27 -5.50 17.04
C ILE A 433 28.31 -6.10 15.63
N ILE A 434 27.17 -6.03 14.92
CA ILE A 434 27.04 -6.60 13.58
C ILE A 434 27.97 -5.90 12.58
N SER A 435 28.02 -4.58 12.62
CA SER A 435 28.79 -3.80 11.64
C SER A 435 30.30 -3.97 11.79
N ASP A 436 30.75 -4.16 13.03
CA ASP A 436 32.18 -4.27 13.32
C ASP A 436 32.76 -5.67 13.12
N ALA A 437 31.89 -6.62 12.78
CA ALA A 437 32.32 -7.99 12.46
C ALA A 437 31.18 -8.89 11.97
N SER A 438 30.87 -8.95 10.67
CA SER A 438 31.24 -8.03 9.56
C SER A 438 32.63 -7.35 9.47
N GLY A 439 32.58 -6.03 9.29
CA GLY A 439 33.71 -5.20 8.87
C GLY A 439 33.07 -4.00 8.18
N ASN A 440 33.41 -2.78 8.63
CA ASN A 440 32.62 -1.57 8.31
C ASN A 440 32.83 -0.94 6.92
N SER A 441 32.48 -1.70 5.87
CA SER A 441 32.76 -1.30 4.48
C SER A 441 31.72 -0.33 3.91
N ARG A 442 31.92 0.08 2.66
CA ARG A 442 30.99 0.96 1.97
C ARG A 442 29.70 0.24 1.55
N GLU A 443 29.74 -1.10 1.54
CA GLU A 443 28.60 -1.93 1.17
C GLU A 443 27.70 -2.31 2.35
N ASN A 444 28.28 -2.36 3.55
CA ASN A 444 27.57 -2.92 4.69
C ASN A 444 27.42 -2.07 5.95
N ASN A 445 27.91 -0.83 5.91
CA ASN A 445 27.87 0.04 7.08
C ASN A 445 26.44 0.45 7.43
N PHE A 446 26.24 0.80 8.70
CA PHE A 446 24.93 1.24 9.19
C PHE A 446 24.92 2.75 9.52
N ASP A 447 25.67 3.54 8.76
CA ASP A 447 25.74 4.98 9.00
C ASP A 447 24.39 5.69 8.88
N ALA A 448 23.58 5.30 7.90
CA ALA A 448 22.21 5.82 7.79
C ALA A 448 21.38 5.51 9.03
N GLU A 449 21.35 4.23 9.43
CA GLU A 449 20.54 3.77 10.56
C GLU A 449 20.92 4.43 11.87
N LEU A 450 22.23 4.51 12.11
CA LEU A 450 22.79 5.11 13.31
C LEU A 450 22.42 6.59 13.45
N ALA A 451 22.62 7.36 12.38
CA ALA A 451 22.26 8.78 12.35
C ALA A 451 20.75 8.96 12.50
N LEU A 452 19.97 8.13 11.82
CA LEU A 452 18.51 8.18 11.95
C LEU A 452 18.03 7.86 13.38
N ILE A 453 18.68 6.90 14.03
CA ILE A 453 18.33 6.55 15.40
C ILE A 453 18.68 7.69 16.37
N ASP A 454 19.82 8.35 16.13
CA ASP A 454 20.22 9.52 16.91
C ASP A 454 19.17 10.62 16.80
N LEU A 455 18.61 10.76 15.59
CA LEU A 455 17.51 11.67 15.36
C LEU A 455 16.28 11.24 16.12
N ALA A 456 15.96 9.94 16.07
CA ALA A 456 14.83 9.41 16.81
C ALA A 456 15.02 9.67 18.31
N VAL A 457 16.23 9.45 18.81
CA VAL A 457 16.58 9.73 20.22
C VAL A 457 16.33 11.20 20.57
N PHE A 458 16.80 12.11 19.71
CA PHE A 458 16.55 13.54 19.94
C PHE A 458 15.05 13.85 20.08
N HIS A 459 14.22 13.25 19.23
CA HIS A 459 12.77 13.49 19.31
C HIS A 459 12.11 12.76 20.48
N LYS A 460 12.83 11.79 21.05
CA LYS A 460 12.41 11.09 22.26
C LYS A 460 12.80 11.87 23.54
N SER A 461 13.64 12.90 23.38
CA SER A 461 14.14 13.64 24.55
C SER A 461 13.05 14.45 25.23
N THR A 462 13.17 14.61 26.54
CA THR A 462 12.25 15.46 27.29
C THR A 462 12.19 16.88 26.72
N ILE A 463 13.35 17.43 26.41
CA ILE A 463 13.45 18.80 25.93
C ILE A 463 12.72 18.99 24.59
N PHE A 464 12.91 18.07 23.65
CA PHE A 464 12.15 18.19 22.40
C PHE A 464 10.65 18.24 22.64
N LYS A 465 10.15 17.39 23.54
CA LYS A 465 8.71 17.34 23.81
C LYS A 465 8.22 18.60 24.50
N LYS A 466 9.09 19.25 25.27
CA LYS A 466 8.83 20.59 25.80
C LYS A 466 8.66 21.60 24.65
N TYR A 467 9.55 21.51 23.65
CA TYR A 467 9.48 22.37 22.47
C TYR A 467 8.19 22.14 21.70
N LEU A 468 7.82 20.87 21.57
CA LEU A 468 6.56 20.48 20.92
C LEU A 468 5.38 21.11 21.64
N ALA A 469 5.37 21.00 22.97
CA ALA A 469 4.32 21.60 23.80
C ALA A 469 4.28 23.13 23.65
N LEU A 470 5.46 23.75 23.59
CA LEU A 470 5.59 25.18 23.33
C LEU A 470 4.91 25.58 22.01
N LEU A 471 5.19 24.83 20.95
CA LEU A 471 4.63 25.15 19.63
C LEU A 471 3.11 25.00 19.59
N THR A 472 2.61 24.00 20.31
CA THR A 472 1.22 23.53 20.15
C THR A 472 0.27 23.90 21.28
N SER A 473 0.83 24.24 22.44
CA SER A 473 0.06 24.43 23.69
C SER A 473 -0.68 23.17 24.11
N LEU A 474 -0.15 22.02 23.66
CA LEU A 474 -0.67 20.71 24.02
C LEU A 474 0.42 19.98 24.80
N CYS A 475 0.02 19.20 25.80
CA CYS A 475 0.96 18.47 26.64
C CYS A 475 0.98 17.00 26.25
N PRO A 476 2.10 16.53 25.65
CA PRO A 476 2.20 15.12 25.28
C PRO A 476 2.17 14.20 26.49
N VAL A 477 1.40 13.13 26.41
CA VAL A 477 1.33 12.17 27.50
C VAL A 477 1.78 10.77 27.10
N SER A 478 2.16 10.61 25.84
CA SER A 478 2.60 9.33 25.29
C SER A 478 3.35 9.53 23.98
N GLU A 479 4.07 8.51 23.54
CA GLU A 479 4.79 8.61 22.29
C GLU A 479 4.92 7.26 21.58
N GLN A 480 4.99 7.34 20.26
CA GLN A 480 5.52 6.26 19.43
C GLN A 480 6.39 6.90 18.34
N ILE A 481 7.63 6.43 18.24
CA ILE A 481 8.54 6.89 17.21
C ILE A 481 8.99 5.74 16.33
N LEU A 482 8.87 5.94 15.02
CA LEU A 482 9.25 4.93 14.02
C LEU A 482 10.13 5.58 12.98
N ILE A 483 11.11 4.85 12.47
CA ILE A 483 11.86 5.28 11.29
C ILE A 483 11.37 4.43 10.12
N ARG A 484 11.01 5.06 9.01
CA ARG A 484 10.41 4.34 7.90
C ARG A 484 11.19 4.45 6.58
N ARG A 485 11.24 3.35 5.83
CA ARG A 485 11.75 3.39 4.47
C ARG A 485 10.67 2.80 3.55
N PHE A 486 10.26 3.58 2.56
CA PHE A 486 9.33 3.10 1.53
C PHE A 486 10.10 2.85 0.24
N ARG A 487 10.35 1.57 -0.05
CA ARG A 487 11.15 1.16 -1.21
C ARG A 487 10.40 1.34 -2.52
N PRO A 488 11.11 1.83 -3.56
CA PRO A 488 10.57 1.92 -4.91
C PRO A 488 10.03 0.58 -5.40
N GLY A 489 8.76 0.56 -5.79
CA GLY A 489 8.14 -0.63 -6.35
C GLY A 489 7.62 -1.65 -5.36
N MET A 490 7.62 -1.30 -4.07
CA MET A 490 7.23 -2.23 -3.00
C MET A 490 6.25 -1.60 -2.01
N ASP A 491 6.57 -0.38 -1.57
CA ASP A 491 6.05 0.11 -0.30
C ASP A 491 5.00 1.21 -0.38
N PHE A 492 4.10 1.19 0.60
CA PHE A 492 2.86 1.98 0.63
C PHE A 492 2.14 1.83 1.97
N THR A 493 1.25 2.77 2.28
CA THR A 493 0.17 2.51 3.24
C THR A 493 -1.17 2.92 2.60
N LEU A 494 -2.27 2.52 3.25
CA LEU A 494 -3.61 2.79 2.76
C LEU A 494 -4.33 3.73 3.74
N ALA A 495 -5.37 4.41 3.25
CA ALA A 495 -6.09 5.42 4.04
C ALA A 495 -6.68 4.86 5.33
N THR A 496 -6.15 5.29 6.48
CA THR A 496 -6.66 4.84 7.78
C THR A 496 -6.83 6.00 8.75
N LYS A 497 -7.62 5.76 9.79
CA LYS A 497 -7.80 6.69 10.91
C LYS A 497 -6.79 6.41 12.02
N CYS A 498 -6.58 7.41 12.87
CA CYS A 498 -5.79 7.26 14.08
C CYS A 498 -6.46 6.26 15.01
N ARG A 499 -5.69 5.71 15.94
CA ARG A 499 -6.28 4.87 16.97
C ARG A 499 -6.02 5.45 18.35
N PHE A 500 -7.10 5.69 19.09
CA PHE A 500 -7.01 6.09 20.48
C PHE A 500 -6.86 4.85 21.35
N ASN A 501 -6.31 5.03 22.55
CA ASN A 501 -6.30 3.97 23.54
C ASN A 501 -7.49 4.18 24.46
N GLU A 502 -8.34 3.16 24.54
CA GLU A 502 -9.58 3.20 25.35
C GLU A 502 -9.29 3.24 26.86
N LEU A 503 -8.02 2.99 27.20
CA LEU A 503 -7.54 3.11 28.56
C LEU A 503 -7.50 4.57 29.00
N LEU A 504 -7.36 5.47 28.03
CA LEU A 504 -7.21 6.89 28.30
C LEU A 504 -8.46 7.67 27.90
N LYS A 505 -9.49 6.94 27.42
CA LYS A 505 -10.71 7.54 26.90
C LYS A 505 -11.52 8.32 27.94
N SER A 506 -11.49 7.86 29.19
CA SER A 506 -12.27 8.45 30.27
C SER A 506 -11.59 9.65 30.94
N ASN A 507 -10.34 9.89 30.61
CA ASN A 507 -9.61 11.07 31.09
C ASN A 507 -10.15 12.29 30.36
N PRO A 508 -10.76 13.24 31.10
CA PRO A 508 -11.39 14.38 30.43
C PRO A 508 -10.38 15.43 29.94
N ASP A 509 -9.18 15.44 30.52
CA ASP A 509 -8.12 16.35 30.11
C ASP A 509 -7.56 15.95 28.75
N ILE A 510 -7.56 14.65 28.47
CA ILE A 510 -6.99 14.11 27.24
C ILE A 510 -7.85 14.44 26.01
N ILE A 511 -7.27 15.23 25.12
CA ILE A 511 -7.88 15.62 23.85
C ILE A 511 -8.28 14.38 23.02
N ASP A 512 -9.47 14.44 22.42
CA ASP A 512 -9.97 13.38 21.53
C ASP A 512 -9.26 13.46 20.17
N ALA A 513 -7.93 13.44 20.21
CA ALA A 513 -7.12 13.59 19.01
C ALA A 513 -5.75 12.99 19.20
N VAL A 514 -5.13 12.59 18.09
CA VAL A 514 -3.75 12.12 18.10
C VAL A 514 -2.91 13.16 17.35
N LEU A 515 -1.82 13.59 17.98
CA LEU A 515 -0.90 14.51 17.36
C LEU A 515 0.14 13.67 16.63
N GLU A 516 0.37 14.00 15.36
CA GLU A 516 1.20 13.17 14.51
C GLU A 516 2.26 13.98 13.75
N GLY A 517 3.52 13.61 13.94
CA GLY A 517 4.65 14.23 13.24
C GLY A 517 5.24 13.35 12.14
N THR A 518 5.72 14.00 11.09
CA THR A 518 6.42 13.31 10.02
C THR A 518 7.62 14.15 9.58
N LEU A 519 8.82 13.67 9.86
CA LEU A 519 10.02 14.32 9.38
C LEU A 519 10.49 13.60 8.13
N CYS A 520 10.32 14.24 6.97
CA CYS A 520 10.66 13.60 5.71
C CYS A 520 12.12 13.84 5.33
N LEU A 521 12.80 12.76 5.00
CA LEU A 521 14.21 12.87 4.66
C LEU A 521 14.50 12.15 3.34
N THR A 522 13.80 12.58 2.30
CA THR A 522 13.90 11.96 0.99
C THR A 522 14.81 12.84 0.11
N PRO A 523 15.97 12.29 -0.28
CA PRO A 523 17.03 13.07 -0.93
C PRO A 523 16.89 13.21 -2.46
N SER A 524 16.01 12.43 -3.07
CA SER A 524 15.90 12.42 -4.53
C SER A 524 14.84 13.39 -5.06
N ALA A 525 14.92 13.70 -6.34
CA ALA A 525 13.98 14.63 -6.98
C ALA A 525 13.06 13.90 -7.96
N GLY A 526 12.21 14.65 -8.65
CA GLY A 526 11.32 14.11 -9.67
C GLY A 526 9.98 13.61 -9.15
N TRP A 527 9.76 13.70 -7.84
CA TRP A 527 8.57 13.13 -7.21
C TRP A 527 7.28 13.72 -7.78
N GLU A 528 7.17 15.04 -7.72
CA GLU A 528 5.99 15.74 -8.21
C GLU A 528 5.82 15.66 -9.74
N SER A 529 6.90 15.88 -10.50
CA SER A 529 6.83 15.91 -11.98
C SER A 529 6.66 14.53 -12.62
N GLY A 530 7.41 13.54 -12.14
CA GLY A 530 7.27 12.16 -12.59
C GLY A 530 6.06 11.44 -12.02
N GLU A 531 5.29 12.11 -11.15
CA GLU A 531 4.21 11.47 -10.35
C GLU A 531 4.65 10.12 -9.76
N LEU A 532 5.70 10.15 -8.94
CA LEU A 532 6.33 8.93 -8.49
C LEU A 532 5.73 8.36 -7.22
N GLY A 533 4.62 8.93 -6.76
CA GLY A 533 3.96 8.50 -5.53
C GLY A 533 4.78 8.87 -4.31
N GLY A 534 4.59 8.15 -3.22
CA GLY A 534 5.33 8.41 -1.98
C GLY A 534 4.89 9.65 -1.23
N TYR A 535 3.84 10.30 -1.72
CA TYR A 535 3.32 11.51 -1.08
C TYR A 535 2.53 11.20 0.20
N GLU A 536 2.66 12.08 1.19
CA GLU A 536 1.88 11.99 2.40
C GLU A 536 0.56 12.71 2.18
N LEU A 537 -0.54 12.00 2.44
CA LEU A 537 -1.87 12.50 2.19
C LEU A 537 -2.67 12.47 3.47
N TYR A 538 -3.18 13.63 3.88
CA TYR A 538 -4.16 13.72 4.95
C TYR A 538 -5.47 14.24 4.37
N MET A 539 -6.58 13.62 4.72
CA MET A 539 -7.89 14.05 4.22
C MET A 539 -9.04 13.79 5.19
N MET A 540 -10.07 14.62 5.10
CA MET A 540 -11.33 14.43 5.84
C MET A 540 -12.19 13.33 5.19
N ASP A 541 -12.96 12.63 6.01
CA ASP A 541 -13.91 11.60 5.55
C ASP A 541 -14.68 11.96 4.27
N ASP A 567 -13.14 20.35 -1.36
CA ASP A 567 -11.92 19.56 -1.19
C ASP A 567 -11.74 19.10 0.26
N SER A 568 -11.71 17.79 0.44
CA SER A 568 -11.52 17.19 1.75
C SER A 568 -10.04 17.01 2.11
N VAL A 569 -9.14 17.41 1.20
CA VAL A 569 -7.71 17.19 1.37
C VAL A 569 -7.05 18.29 2.22
N LEU A 570 -6.44 17.90 3.33
CA LEU A 570 -5.75 18.84 4.20
C LEU A 570 -4.30 19.04 3.75
N ILE A 571 -3.61 17.93 3.52
CA ILE A 571 -2.21 17.92 3.10
C ILE A 571 -2.04 16.93 1.96
N ASN A 572 -1.33 17.35 0.91
CA ASN A 572 -0.86 16.43 -0.10
C ASN A 572 0.59 16.76 -0.40
N ASP A 573 1.52 16.07 0.27
CA ASP A 573 2.93 16.42 0.22
C ASP A 573 3.80 15.34 -0.42
N PRO A 574 4.28 15.59 -1.65
CA PRO A 574 5.27 14.72 -2.24
C PRO A 574 6.52 14.70 -1.38
N PRO A 575 7.25 13.58 -1.36
CA PRO A 575 8.43 13.51 -0.49
C PRO A 575 9.44 14.59 -0.82
N ALA A 576 10.04 15.21 0.18
CA ALA A 576 11.09 16.20 0.01
C ALA A 576 12.17 16.03 1.09
N TRP A 577 13.19 16.89 1.03
CA TRP A 577 14.28 16.81 1.99
C TRP A 577 14.09 17.75 3.19
N ASN A 578 14.12 17.18 4.39
CA ASN A 578 14.14 17.93 5.65
C ASN A 578 12.90 18.80 5.91
N THR A 579 11.72 18.24 5.66
CA THR A 579 10.47 18.92 6.03
C THR A 579 9.90 18.25 7.26
N PHE A 580 9.10 18.98 8.04
CA PHE A 580 8.44 18.42 9.20
C PHE A 580 6.97 18.79 9.18
N ASN A 581 6.12 17.79 9.06
CA ASN A 581 4.68 17.99 9.15
C ASN A 581 4.14 17.59 10.52
N LEU A 582 3.25 18.42 11.03
CA LEU A 582 2.62 18.18 12.31
C LEU A 582 1.12 18.30 12.07
N VAL A 583 0.37 17.26 12.40
CA VAL A 583 -1.08 17.26 12.22
C VAL A 583 -1.76 16.79 13.49
N LEU A 584 -2.70 17.59 14.00
CA LEU A 584 -3.57 17.16 15.09
C LEU A 584 -4.80 16.48 14.48
N ARG A 585 -4.86 15.16 14.58
CA ARG A 585 -5.92 14.38 13.93
C ARG A 585 -7.06 14.06 14.89
N ASP A 586 -8.29 14.44 14.54
CA ASP A 586 -9.44 13.89 15.22
C ASP A 586 -9.78 12.55 14.57
N GLU A 587 -10.81 11.89 15.08
CA GLU A 587 -11.21 10.56 14.61
C GLU A 587 -11.51 10.48 13.11
N SER A 588 -11.82 11.62 12.49
CA SER A 588 -12.29 11.62 11.10
C SER A 588 -11.23 11.98 10.05
N VAL A 589 -9.97 12.06 10.46
CA VAL A 589 -8.89 12.39 9.53
C VAL A 589 -8.22 11.11 9.03
N LEU A 590 -8.14 10.97 7.72
CA LEU A 590 -7.51 9.81 7.11
C LEU A 590 -6.11 10.18 6.64
N GLU A 591 -5.20 9.22 6.73
CA GLU A 591 -3.82 9.43 6.30
C GLU A 591 -3.33 8.18 5.56
N PHE A 592 -2.51 8.40 4.54
CA PHE A 592 -1.72 7.32 3.96
C PHE A 592 -0.51 7.93 3.25
N VAL A 593 0.47 7.09 2.93
CA VAL A 593 1.49 7.50 1.96
C VAL A 593 1.41 6.64 0.71
N LYS A 594 1.30 7.31 -0.42
CA LYS A 594 1.06 6.62 -1.68
C LYS A 594 2.21 5.70 -2.05
N TYR A 595 1.86 4.51 -2.53
CA TYR A 595 2.78 3.55 -3.13
C TYR A 595 3.89 4.24 -3.91
N VAL A 596 5.12 3.83 -3.66
CA VAL A 596 6.29 4.43 -4.32
C VAL A 596 6.66 3.70 -5.60
N SER A 597 6.61 4.43 -6.71
CA SER A 597 6.89 3.89 -8.03
C SER A 597 8.31 3.36 -8.18
N TRP A 598 8.46 2.31 -8.98
CA TRP A 598 9.77 1.77 -9.38
C TRP A 598 10.67 2.84 -9.99
N SER A 599 10.08 3.87 -10.58
CA SER A 599 10.83 4.94 -11.25
C SER A 599 11.47 5.93 -10.28
N ALA A 600 11.06 5.91 -9.01
CA ALA A 600 11.66 6.78 -8.01
C ALA A 600 13.16 6.52 -7.90
N LYS A 601 13.92 7.60 -7.79
CA LYS A 601 15.39 7.50 -7.72
C LYS A 601 15.91 7.15 -6.33
N SER A 602 15.02 7.15 -5.33
CA SER A 602 15.38 6.69 -3.99
C SER A 602 14.12 6.27 -3.26
N SER A 603 14.29 5.65 -2.11
CA SER A 603 13.17 5.38 -1.22
C SER A 603 12.67 6.68 -0.64
N ARG A 604 11.45 6.65 -0.12
CA ARG A 604 10.96 7.69 0.77
C ARG A 604 11.40 7.29 2.17
N TRP A 605 12.26 8.12 2.78
CA TRP A 605 12.70 7.93 4.16
C TRP A 605 12.05 8.97 5.04
N ASP A 606 11.51 8.54 6.18
CA ASP A 606 11.01 9.50 7.16
C ASP A 606 11.06 8.99 8.60
N VAL A 607 10.75 9.87 9.53
CA VAL A 607 10.58 9.52 10.92
C VAL A 607 9.16 9.89 11.29
N LYS A 608 8.42 8.89 11.73
CA LYS A 608 7.02 9.02 12.07
C LYS A 608 6.89 9.10 13.60
N MET A 609 6.11 10.09 14.05
CA MET A 609 5.93 10.35 15.48
C MET A 609 4.45 10.52 15.81
N LYS A 610 4.03 9.88 16.90
CA LYS A 610 2.64 9.95 17.34
C LYS A 610 2.56 10.15 18.85
N TRP A 611 1.73 11.10 19.27
CA TRP A 611 1.53 11.41 20.68
C TRP A 611 0.06 11.57 21.07
N ASP A 612 -0.32 11.01 22.21
CA ASP A 612 -1.55 11.43 22.87
C ASP A 612 -1.25 12.75 23.58
N VAL A 613 -2.23 13.65 23.62
CA VAL A 613 -2.03 14.95 24.23
C VAL A 613 -3.20 15.40 25.12
N LYS A 614 -2.86 16.16 26.16
CA LYS A 614 -3.88 16.86 26.95
C LYS A 614 -3.70 18.37 26.80
N SER A 615 -4.75 19.12 27.11
CA SER A 615 -4.76 20.57 26.84
C SER A 615 -3.89 21.39 27.79
N CYS A 616 -3.83 20.97 29.06
CA CYS A 616 -3.06 21.70 30.10
C CYS A 616 -3.65 23.07 30.40
FE FE B . -8.37 -8.46 -8.91
S SO4 C . 9.51 -7.46 -29.71
O1 SO4 C . 8.95 -6.53 -30.70
O2 SO4 C . 10.89 -7.76 -30.06
O3 SO4 C . 9.46 -6.80 -28.40
O4 SO4 C . 8.76 -8.71 -29.68
S SO4 D . 10.30 17.73 -9.46
O1 SO4 D . 10.01 19.15 -9.23
O2 SO4 D . 10.75 17.52 -10.84
O3 SO4 D . 11.39 17.32 -8.57
O4 SO4 D . 9.11 16.94 -9.20
S SO4 E . 11.05 3.37 -20.80
O1 SO4 E . 10.44 2.70 -21.97
O2 SO4 E . 11.82 4.52 -21.26
O3 SO4 E . 10.01 3.86 -19.89
O4 SO4 E . 11.94 2.46 -20.08
S SO4 F . 11.24 -12.01 -20.86
O1 SO4 F . 9.85 -11.58 -20.79
O2 SO4 F . 11.44 -12.84 -22.04
O3 SO4 F . 12.12 -10.84 -20.96
O4 SO4 F . 11.55 -12.79 -19.66
C1 GOL G . 28.09 6.73 20.72
O1 GOL G . 28.16 7.32 19.43
C2 GOL G . 26.65 6.28 20.96
O2 GOL G . 26.56 4.87 21.10
C3 GOL G . 26.06 6.97 22.17
O3 GOL G . 24.65 6.98 22.04
#